data_4KHO
#
_entry.id   4KHO
#
_cell.length_a   61.550
_cell.length_b   75.030
_cell.length_c   142.720
_cell.angle_alpha   90.00
_cell.angle_beta   90.00
_cell.angle_gamma   90.00
#
_symmetry.space_group_name_H-M   'P 21 21 21'
#
loop_
_entity.id
_entity.type
_entity.pdbx_description
1 polymer 'Uncharacterized protein Spt16M'
2 non-polymer 'CALCIUM ION'
3 non-polymer 'ACETATE ION'
4 water water
#
_entity_poly.entity_id   1
_entity_poly.type   'polypeptide(L)'
_entity_poly.pdbx_seq_one_letter_code
;GSHMEDVVEQDKLIEIRNRRPAVLDNVYIRPALEGKRVPGKVEIHQNGIRYQSPLSTTQRVDVLFSNIRHLFFQPCQNEM
IVIIHLHLKDPILFGKKKTKDVQFYREAIDIQFDETGNRKRKYRYGDEDEFEAEQEERRRKAELDRLFKSFAEKIAEAGR
NEGIEVDMPIRDLGFNGVPNRSNVVIYPTTECLIQITEPPFLVITLEDVEWAHLERVQFGLKNFDLVFVFKDFTRPVVHI
NTIPVESLEDVKEFLDSSDIPFSEGPLNLNWSVIMKTVTANPHQFFLDGGWGFLQNDSD
;
_entity_poly.pdbx_strand_id   A,B
#
# COMPACT_ATOMS: atom_id res chain seq x y z
N VAL A 7 -15.32 22.75 25.52
CA VAL A 7 -15.51 21.36 25.17
C VAL A 7 -16.98 20.98 25.00
N VAL A 8 -17.29 20.26 23.93
CA VAL A 8 -18.63 19.74 23.70
C VAL A 8 -18.92 18.60 24.68
N GLU A 9 -20.09 18.62 25.29
CA GLU A 9 -20.47 17.64 26.30
C GLU A 9 -20.70 16.24 25.71
N GLN A 10 -20.12 15.24 26.36
CA GLN A 10 -20.27 13.85 25.93
C GLN A 10 -21.12 13.05 26.92
N ASP A 11 -22.04 12.24 26.39
CA ASP A 11 -22.84 11.34 27.21
C ASP A 11 -21.95 10.36 27.97
N LYS A 12 -22.47 9.80 29.06
CA LYS A 12 -21.69 8.82 29.82
C LYS A 12 -21.50 7.55 29.00
N LEU A 13 -20.36 6.89 29.19
CA LEU A 13 -20.15 5.60 28.55
C LEU A 13 -21.06 4.59 29.22
N ILE A 14 -21.76 3.79 28.41
CA ILE A 14 -22.58 2.72 28.96
C ILE A 14 -21.81 1.40 28.93
N GLU A 15 -21.57 0.85 30.12
CA GLU A 15 -20.87 -0.42 30.26
C GLU A 15 -21.67 -1.57 29.65
N ILE A 16 -20.97 -2.58 29.13
CA ILE A 16 -21.62 -3.72 28.49
C ILE A 16 -22.02 -4.81 29.48
N ARG A 19 -21.75 -9.59 30.67
CA ARG A 19 -20.76 -10.40 29.97
C ARG A 19 -19.43 -9.65 29.87
N ARG A 20 -18.39 -10.32 29.38
CA ARG A 20 -17.08 -9.71 29.27
C ARG A 20 -16.91 -8.95 27.96
N PRO A 21 -16.41 -7.71 28.05
CA PRO A 21 -16.22 -6.85 26.87
C PRO A 21 -15.11 -7.38 25.97
N ALA A 22 -15.18 -7.10 24.67
CA ALA A 22 -14.06 -7.42 23.78
C ALA A 22 -12.88 -6.55 24.20
N VAL A 23 -11.67 -7.09 24.14
CA VAL A 23 -10.51 -6.42 24.70
C VAL A 23 -9.29 -6.44 23.78
N LEU A 24 -8.52 -5.36 23.80
CA LEU A 24 -7.17 -5.37 23.24
C LEU A 24 -6.18 -5.01 24.34
N ASP A 25 -5.35 -5.97 24.73
CA ASP A 25 -4.46 -5.79 25.87
C ASP A 25 -3.05 -5.35 25.46
N ASN A 26 -2.23 -5.01 26.45
CA ASN A 26 -0.83 -4.68 26.22
C ASN A 26 -0.65 -3.55 25.20
N VAL A 27 -1.39 -2.47 25.41
CA VAL A 27 -1.48 -1.39 24.44
C VAL A 27 -1.15 -0.03 25.05
N TYR A 28 -0.47 0.83 24.28
CA TYR A 28 -0.14 2.16 24.75
C TYR A 28 -1.01 3.22 24.07
N ILE A 29 -1.19 4.34 24.74
CA ILE A 29 -2.05 5.40 24.21
C ILE A 29 -1.26 6.64 23.84
N ARG A 30 -1.62 7.23 22.70
CA ARG A 30 -1.08 8.52 22.29
C ARG A 30 -2.20 9.49 21.92
N PRO A 31 -2.08 10.75 22.35
CA PRO A 31 -0.95 11.28 23.14
C PRO A 31 -0.89 10.73 24.56
N ALA A 32 0.31 10.66 25.15
CA ALA A 32 0.46 10.11 26.49
C ALA A 32 -0.18 10.99 27.55
N LEU A 33 -0.80 10.37 28.56
CA LEU A 33 -1.46 11.11 29.63
C LEU A 33 -0.49 11.99 30.40
N GLY A 35 0.84 11.43 33.10
CA GLY A 35 1.94 10.90 33.88
C GLY A 35 2.89 10.09 33.04
N LYS A 36 3.52 9.09 33.65
CA LYS A 36 4.44 8.21 32.94
C LYS A 36 3.71 7.32 31.94
N ARG A 37 4.36 7.06 30.81
CA ARG A 37 3.86 6.14 29.79
C ARG A 37 3.77 4.73 30.37
N VAL A 38 2.59 4.13 30.27
CA VAL A 38 2.33 2.80 30.83
C VAL A 38 1.54 1.94 29.85
N PRO A 39 1.72 0.60 29.93
CA PRO A 39 0.91 -0.25 29.05
C PRO A 39 -0.52 -0.28 29.56
N GLY A 40 -1.47 -0.47 28.64
CA GLY A 40 -2.88 -0.41 29.01
C GLY A 40 -3.77 -1.38 28.27
N LYS A 41 -5.05 -1.04 28.22
CA LYS A 41 -6.08 -1.99 27.83
C LYS A 41 -7.28 -1.23 27.29
N VAL A 42 -7.76 -1.62 26.11
CA VAL A 42 -8.93 -0.99 25.53
C VAL A 42 -10.09 -1.97 25.58
N GLU A 43 -11.25 -1.49 26.03
CA GLU A 43 -12.44 -2.33 26.11
C GLU A 43 -13.56 -1.73 25.26
N ILE A 44 -14.26 -2.60 24.52
CA ILE A 44 -15.41 -2.18 23.75
C ILE A 44 -16.68 -2.31 24.58
N HIS A 45 -17.42 -1.21 24.70
CA HIS A 45 -18.66 -1.24 25.45
C HIS A 45 -19.87 -0.91 24.59
N GLN A 46 -20.95 -0.46 25.22
CA GLN A 46 -22.25 -0.34 24.54
C GLN A 46 -22.32 0.80 23.54
N ASN A 47 -21.89 1.99 23.97
CA ASN A 47 -21.95 3.17 23.12
C ASN A 47 -20.58 3.79 22.86
N GLY A 48 -19.52 3.04 23.19
CA GLY A 48 -18.17 3.50 22.91
C GLY A 48 -17.11 2.57 23.48
N ILE A 49 -15.90 3.09 23.59
CA ILE A 49 -14.78 2.30 24.09
C ILE A 49 -14.12 2.98 25.29
N ARG A 50 -13.42 2.19 26.10
CA ARG A 50 -12.72 2.73 27.25
C ARG A 50 -11.28 2.23 27.31
N TYR A 51 -10.34 3.16 27.47
CA TYR A 51 -8.96 2.80 27.74
C TYR A 51 -8.66 2.99 29.23
N GLN A 52 -7.89 2.07 29.80
CA GLN A 52 -7.35 2.24 31.14
C GLN A 52 -6.16 1.32 31.38
N SER A 53 -5.37 1.64 32.40
CA SER A 53 -4.19 0.86 32.74
C SER A 53 -4.23 0.42 34.19
N PRO A 54 -3.86 -0.84 34.46
CA PRO A 54 -3.78 -1.37 35.83
C PRO A 54 -2.51 -0.87 36.54
N LEU A 55 -1.69 -0.09 35.84
CA LEU A 55 -0.46 0.45 36.41
C LEU A 55 -0.58 1.96 36.66
N SER A 56 -1.64 2.55 36.11
CA SER A 56 -1.99 3.94 36.42
C SER A 56 -3.49 3.94 36.63
N THR A 57 -3.89 3.62 37.86
CA THR A 57 -5.27 3.23 38.18
C THR A 57 -6.26 4.40 38.20
N THR A 58 -5.73 5.62 38.15
CA THR A 58 -6.55 6.82 38.01
C THR A 58 -7.01 6.98 36.56
N GLN A 59 -6.09 6.72 35.64
CA GLN A 59 -6.33 6.90 34.21
C GLN A 59 -7.60 6.22 33.72
N ARG A 60 -8.30 6.91 32.83
CA ARG A 60 -9.45 6.37 32.13
C ARG A 60 -9.81 7.30 30.97
N VAL A 61 -9.91 6.74 29.77
CA VAL A 61 -10.28 7.50 28.58
C VAL A 61 -11.46 6.84 27.88
N ASP A 62 -12.61 7.50 27.91
CA ASP A 62 -13.80 7.00 27.22
C ASP A 62 -14.03 7.77 25.93
N VAL A 63 -14.31 7.05 24.85
CA VAL A 63 -14.63 7.66 23.56
C VAL A 63 -15.92 7.04 23.03
N LEU A 64 -16.93 7.86 22.79
CA LEU A 64 -18.19 7.38 22.26
C LEU A 64 -18.11 7.18 20.74
N PHE A 65 -18.82 6.17 20.24
CA PHE A 65 -18.89 5.92 18.80
C PHE A 65 -19.41 7.16 18.07
N SER A 66 -20.28 7.92 18.74
CA SER A 66 -20.87 9.13 18.18
C SER A 66 -19.84 10.23 17.97
N ASN A 67 -18.71 10.15 18.66
CA ASN A 67 -17.67 11.17 18.55
C ASN A 67 -16.48 10.73 17.69
N ILE A 68 -16.64 9.61 16.97
CA ILE A 68 -15.58 9.13 16.09
C ILE A 68 -15.84 9.51 14.64
N ARG A 69 -15.05 10.44 14.11
CA ARG A 69 -15.20 10.86 12.72
C ARG A 69 -14.51 9.85 11.80
N HIS A 70 -13.31 9.43 12.18
CA HIS A 70 -12.58 8.43 11.40
C HIS A 70 -11.95 7.36 12.29
N LEU A 71 -11.90 6.14 11.78
CA LEU A 71 -11.21 5.04 12.46
C LEU A 71 -10.17 4.46 11.51
N PHE A 72 -8.91 4.50 11.90
CA PHE A 72 -7.84 4.00 11.06
C PHE A 72 -7.14 2.77 11.64
N PHE A 73 -6.90 1.77 10.78
CA PHE A 73 -5.97 0.70 11.12
C PHE A 73 -4.74 0.81 10.25
N GLN A 74 -3.58 0.89 10.88
CA GLN A 74 -2.32 0.93 10.16
C GLN A 74 -1.41 -0.21 10.62
N PRO A 75 -1.25 -1.23 9.79
CA PRO A 75 -0.36 -2.35 10.10
C PRO A 75 1.09 -1.91 10.11
N CYS A 76 1.99 -2.78 10.56
CA CYS A 76 3.42 -2.50 10.50
C CYS A 76 3.83 -2.20 9.06
N GLN A 77 4.13 -0.94 8.78
CA GLN A 77 4.71 -0.58 7.49
C GLN A 77 6.22 -0.41 7.69
N ASN A 78 6.79 -1.42 8.37
CA ASN A 78 8.16 -1.42 8.85
C ASN A 78 8.67 -0.13 9.48
N GLU A 79 7.82 0.47 10.31
CA GLU A 79 8.25 1.52 11.22
C GLU A 79 8.26 0.89 12.61
N MET A 80 8.11 -0.44 12.65
CA MET A 80 8.05 -1.20 13.90
C MET A 80 6.97 -0.68 14.86
N ILE A 81 5.77 -0.48 14.34
CA ILE A 81 4.64 0.00 15.13
C ILE A 81 3.32 -0.37 14.44
N VAL A 82 2.35 -0.81 15.23
CA VAL A 82 1.01 -1.11 14.72
C VAL A 82 0.02 -0.20 15.44
N ILE A 83 -0.90 0.39 14.69
CA ILE A 83 -1.71 1.49 15.21
C ILE A 83 -3.22 1.35 14.92
N ILE A 84 -4.03 1.66 15.92
CA ILE A 84 -5.45 1.93 15.72
C ILE A 84 -5.68 3.39 16.11
N HIS A 85 -6.21 4.19 15.19
CA HIS A 85 -6.29 5.64 15.41
C HIS A 85 -7.73 6.17 15.32
N LEU A 86 -8.12 6.97 16.31
CA LEU A 86 -9.44 7.59 16.33
C LEU A 86 -9.32 9.09 16.09
N HIS A 87 -9.88 9.58 14.99
CA HIS A 87 -10.01 11.02 14.80
C HIS A 87 -11.40 11.45 15.26
N LEU A 88 -11.44 12.34 16.24
CA LEU A 88 -12.69 12.70 16.90
C LEU A 88 -13.42 13.87 16.24
N LYS A 89 -14.75 13.84 16.28
CA LYS A 89 -15.56 14.95 15.78
C LYS A 89 -15.34 16.17 16.65
N ASP A 90 -15.56 16.01 17.95
CA ASP A 90 -15.30 17.09 18.90
C ASP A 90 -14.24 16.67 19.92
N PRO A 91 -13.30 17.57 20.21
CA PRO A 91 -12.24 17.32 21.19
C PRO A 91 -12.78 16.97 22.58
N ILE A 92 -12.03 16.16 23.32
CA ILE A 92 -12.43 15.76 24.67
C ILE A 92 -11.33 16.07 25.68
N LEU A 93 -11.71 16.21 26.95
CA LEU A 93 -10.72 16.44 28.01
C LEU A 93 -9.76 15.26 28.12
N PHE A 94 -8.48 15.57 28.31
CA PHE A 94 -7.43 14.57 28.26
C PHE A 94 -6.40 14.92 29.32
N GLY A 95 -6.60 14.42 30.53
CA GLY A 95 -5.81 14.84 31.66
C GLY A 95 -6.09 16.30 31.99
N LYS A 96 -5.12 17.16 31.71
CA LYS A 96 -5.28 18.60 31.90
C LYS A 96 -5.22 19.32 30.56
N LYS A 97 -5.25 18.54 29.49
CA LYS A 97 -5.25 19.09 28.16
C LYS A 97 -6.48 18.55 27.43
N LYS A 98 -6.43 18.59 26.10
CA LYS A 98 -7.54 18.11 25.29
C LYS A 98 -7.00 17.57 23.96
N THR A 99 -7.77 16.72 23.31
CA THR A 99 -7.30 16.08 22.09
C THR A 99 -8.43 15.79 21.11
N LYS A 100 -8.10 15.74 19.83
CA LYS A 100 -9.08 15.45 18.79
C LYS A 100 -8.65 14.15 18.12
N ASP A 101 -7.52 13.63 18.56
CA ASP A 101 -6.99 12.34 18.09
C ASP A 101 -6.52 11.49 19.28
N VAL A 102 -6.98 10.25 19.32
CA VAL A 102 -6.47 9.28 20.29
C VAL A 102 -6.17 7.98 19.57
N GLN A 103 -4.99 7.42 19.83
CA GLN A 103 -4.57 6.20 19.15
C GLN A 103 -3.99 5.19 20.13
N PHE A 104 -4.09 3.92 19.76
CA PHE A 104 -3.52 2.85 20.56
C PHE A 104 -2.49 2.14 19.70
N TYR A 105 -1.31 1.90 20.27
CA TYR A 105 -0.21 1.36 19.47
C TYR A 105 0.61 0.35 20.25
N ARG A 106 1.39 -0.44 19.53
CA ARG A 106 2.40 -1.27 20.13
C ARG A 106 3.58 -1.37 19.17
N GLU A 107 4.79 -1.33 19.71
CA GLU A 107 5.98 -1.38 18.89
C GLU A 107 6.56 -2.78 18.90
N ALA A 108 7.33 -3.11 17.87
CA ALA A 108 8.08 -4.35 17.86
C ALA A 108 9.10 -4.30 18.99
N ILE A 109 9.25 -5.42 19.69
CA ILE A 109 10.14 -5.48 20.84
C ILE A 109 11.08 -6.68 20.76
N ASP A 129 20.60 -18.91 15.33
CA ASP A 129 20.16 -19.37 14.03
C ASP A 129 19.32 -18.30 13.31
N GLU A 130 19.85 -17.77 12.22
CA GLU A 130 19.21 -16.67 11.50
C GLU A 130 17.87 -17.07 10.89
N PHE A 131 17.78 -18.32 10.44
CA PHE A 131 16.55 -18.84 9.83
C PHE A 131 15.40 -18.74 10.82
N GLU A 132 15.62 -19.25 12.03
CA GLU A 132 14.57 -19.29 13.05
C GLU A 132 14.33 -17.92 13.69
N ALA A 133 15.36 -17.08 13.72
CA ALA A 133 15.22 -15.72 14.23
C ALA A 133 14.28 -14.91 13.35
N GLU A 134 14.45 -15.02 12.04
CA GLU A 134 13.58 -14.32 11.09
C GLU A 134 12.18 -14.91 11.07
N GLN A 135 12.09 -16.22 11.27
CA GLN A 135 10.81 -16.90 11.44
C GLN A 135 10.02 -16.24 12.56
N GLU A 136 10.71 -16.00 13.67
CA GLU A 136 10.08 -15.45 14.87
C GLU A 136 9.72 -13.96 14.73
N GLU A 137 10.58 -13.21 14.05
CA GLU A 137 10.29 -11.80 13.79
C GLU A 137 9.02 -11.68 12.96
N ARG A 138 8.91 -12.58 11.98
CA ARG A 138 7.76 -12.66 11.09
C ARG A 138 6.49 -13.01 11.86
N ARG A 139 6.60 -13.97 12.78
CA ARG A 139 5.47 -14.40 13.58
C ARG A 139 4.98 -13.27 14.49
N ARG A 140 5.92 -12.53 15.08
CA ARG A 140 5.58 -11.44 15.99
C ARG A 140 4.83 -10.31 15.29
N LYS A 141 5.29 -9.96 14.08
CA LYS A 141 4.62 -8.94 13.27
C LYS A 141 3.20 -9.35 12.93
N ALA A 142 3.06 -10.56 12.41
CA ALA A 142 1.76 -11.10 12.00
C ALA A 142 0.80 -11.17 13.17
N GLU A 143 1.34 -11.52 14.34
CA GLU A 143 0.55 -11.59 15.57
C GLU A 143 -0.06 -10.23 15.93
N LEU A 144 0.78 -9.20 15.97
CA LEU A 144 0.32 -7.86 16.30
C LEU A 144 -0.67 -7.34 15.26
N ASP A 145 -0.38 -7.57 13.99
CA ASP A 145 -1.25 -7.14 12.90
C ASP A 145 -2.64 -7.77 13.02
N ARG A 146 -2.67 -9.06 13.35
CA ARG A 146 -3.93 -9.79 13.49
C ARG A 146 -4.76 -9.27 14.65
N LEU A 147 -4.13 -9.08 15.80
CA LEU A 147 -4.81 -8.60 17.00
C LEU A 147 -5.41 -7.21 16.79
N PHE A 148 -4.63 -6.30 16.22
CA PHE A 148 -5.07 -4.92 16.00
C PHE A 148 -6.13 -4.83 14.90
N LYS A 149 -5.94 -5.59 13.83
CA LYS A 149 -6.92 -5.61 12.75
C LYS A 149 -8.27 -6.10 13.28
N SER A 150 -8.27 -7.24 13.94
CA SER A 150 -9.50 -7.83 14.48
C SER A 150 -10.25 -6.87 15.40
N PHE A 151 -9.52 -6.21 16.29
CA PHE A 151 -10.12 -5.29 17.25
C PHE A 151 -10.74 -4.09 16.54
N ALA A 152 -10.06 -3.61 15.50
CA ALA A 152 -10.53 -2.47 14.72
C ALA A 152 -11.89 -2.75 14.07
N GLU A 153 -12.05 -3.97 13.55
CA GLU A 153 -13.31 -4.37 12.92
C GLU A 153 -14.41 -4.51 13.97
N LYS A 154 -14.02 -4.90 15.19
CA LYS A 154 -14.97 -5.03 16.28
C LYS A 154 -15.51 -3.67 16.73
N ILE A 155 -14.66 -2.65 16.67
CA ILE A 155 -15.05 -1.28 16.99
C ILE A 155 -16.04 -0.75 15.95
N ALA A 156 -15.71 -0.97 14.68
CA ALA A 156 -16.58 -0.58 13.58
C ALA A 156 -17.93 -1.32 13.63
N GLU A 157 -17.88 -2.61 13.95
CA GLU A 157 -19.10 -3.40 14.08
C GLU A 157 -19.99 -2.92 15.22
N ALA A 158 -19.37 -2.63 16.37
CA ALA A 158 -20.11 -2.19 17.54
C ALA A 158 -20.66 -0.78 17.38
N GLY A 159 -19.96 0.06 16.62
CA GLY A 159 -20.38 1.42 16.39
C GLY A 159 -20.96 1.65 14.99
N ARG A 160 -21.47 0.58 14.39
CA ARG A 160 -21.91 0.59 12.99
C ARG A 160 -23.22 1.35 12.70
N ASN A 161 -24.07 1.54 13.70
CA ASN A 161 -25.25 2.38 13.51
C ASN A 161 -24.93 3.87 13.71
N GLU A 162 -23.65 4.15 13.87
CA GLU A 162 -23.11 5.50 13.74
C GLU A 162 -22.40 5.59 12.39
N GLY A 163 -22.37 4.48 11.67
CA GLY A 163 -21.85 4.44 10.31
C GLY A 163 -20.34 4.33 10.21
N ILE A 164 -19.71 3.75 11.23
CA ILE A 164 -18.26 3.69 11.32
C ILE A 164 -17.65 2.62 10.41
N GLU A 165 -16.63 3.01 9.65
CA GLU A 165 -15.89 2.07 8.81
C GLU A 165 -14.41 2.10 9.21
N VAL A 166 -13.73 0.96 9.06
CA VAL A 166 -12.29 0.93 9.23
C VAL A 166 -11.67 1.51 7.96
N ASP A 167 -10.92 2.60 8.12
CA ASP A 167 -10.20 3.18 7.00
C ASP A 167 -8.73 2.81 7.14
N MET A 168 -8.00 2.76 6.03
CA MET A 168 -6.59 2.37 6.09
C MET A 168 -5.74 3.20 5.14
N PRO A 169 -4.49 3.48 5.55
CA PRO A 169 -3.58 4.17 4.64
C PRO A 169 -3.28 3.33 3.40
N ILE A 170 -3.20 3.97 2.25
CA ILE A 170 -2.90 3.29 0.99
C ILE A 170 -1.40 3.36 0.73
N ARG A 171 -0.70 2.27 1.03
CA ARG A 171 0.75 2.24 1.04
C ARG A 171 1.42 2.69 -0.26
N ASP A 172 0.90 2.23 -1.39
CA ASP A 172 1.52 2.55 -2.68
C ASP A 172 1.30 4.01 -3.12
N LEU A 173 0.41 4.71 -2.44
CA LEU A 173 0.14 6.12 -2.77
C LEU A 173 0.78 7.09 -1.78
N GLY A 174 1.55 6.57 -0.82
CA GLY A 174 2.20 7.42 0.15
C GLY A 174 3.29 8.27 -0.49
N PHE A 175 3.56 9.43 0.11
CA PHE A 175 4.65 10.28 -0.34
C PHE A 175 5.33 10.95 0.85
N ASN A 176 6.62 11.26 0.71
CA ASN A 176 7.36 11.88 1.79
C ASN A 176 7.13 13.40 1.86
N GLY A 177 7.25 13.95 3.06
CA GLY A 177 7.00 15.36 3.28
C GLY A 177 7.27 15.77 4.71
N VAL A 178 7.27 17.09 4.95
CA VAL A 178 7.56 17.62 6.27
C VAL A 178 6.45 18.58 6.72
N PRO A 179 5.41 18.03 7.38
CA PRO A 179 4.34 18.88 7.90
C PRO A 179 4.71 19.56 9.22
N ASN A 180 5.77 19.10 9.87
CA ASN A 180 6.25 19.73 11.11
C ASN A 180 7.76 20.01 11.10
N ARG A 181 8.58 19.02 11.45
CA ARG A 181 10.03 19.16 11.36
C ARG A 181 10.73 17.96 10.73
N SER A 182 10.28 16.75 11.09
CA SER A 182 10.92 15.52 10.59
C SER A 182 10.27 14.99 9.31
N ASN A 183 11.10 14.49 8.39
CA ASN A 183 10.60 13.86 7.17
C ASN A 183 9.81 12.60 7.48
N VAL A 184 8.53 12.61 7.13
CA VAL A 184 7.64 11.48 7.38
C VAL A 184 6.90 11.10 6.10
N VAL A 185 6.27 9.93 6.10
CA VAL A 185 5.46 9.51 4.98
C VAL A 185 4.01 9.90 5.22
N ILE A 186 3.40 10.57 4.24
CA ILE A 186 2.00 10.95 4.35
C ILE A 186 1.17 10.06 3.43
N TYR A 187 0.12 9.45 3.98
CA TYR A 187 -0.65 8.45 3.26
C TYR A 187 -2.07 8.91 2.94
N PRO A 188 -2.49 8.77 1.68
CA PRO A 188 -3.91 8.93 1.37
C PRO A 188 -4.70 7.76 1.95
N THR A 189 -5.95 8.02 2.35
CA THR A 189 -6.87 6.94 2.70
C THR A 189 -8.11 7.10 1.83
N THR A 190 -9.18 6.38 2.18
CA THR A 190 -10.43 6.46 1.44
C THR A 190 -11.06 7.85 1.52
N GLU A 191 -10.97 8.46 2.70
CA GLU A 191 -11.60 9.76 2.93
C GLU A 191 -10.62 10.83 3.38
N CYS A 192 -9.36 10.45 3.63
CA CYS A 192 -8.43 11.36 4.27
C CYS A 192 -7.02 11.36 3.71
N LEU A 193 -6.20 12.27 4.24
CA LEU A 193 -4.77 12.30 4.02
C LEU A 193 -4.14 12.34 5.41
N ILE A 194 -3.43 11.28 5.79
CA ILE A 194 -2.99 11.16 7.19
C ILE A 194 -1.50 10.95 7.41
N GLN A 195 -1.08 11.27 8.63
CA GLN A 195 0.26 10.95 9.13
C GLN A 195 0.07 10.62 10.61
N ILE A 196 -0.02 9.33 10.91
CA ILE A 196 -0.30 8.89 12.28
C ILE A 196 0.80 8.00 12.86
N THR A 197 1.88 7.83 12.11
CA THR A 197 2.99 6.99 12.55
C THR A 197 3.71 7.63 13.75
N GLU A 198 3.91 8.94 13.68
CA GLU A 198 4.55 9.69 14.75
C GLU A 198 3.88 11.04 14.98
N PRO A 199 3.85 11.51 16.24
CA PRO A 199 3.31 12.83 16.61
C PRO A 199 4.18 13.97 16.09
N PRO A 200 3.58 15.13 15.79
CA PRO A 200 2.15 15.43 15.91
C PRO A 200 1.34 14.74 14.80
N PHE A 201 0.19 14.20 15.17
CA PHE A 201 -0.64 13.47 14.21
C PHE A 201 -1.32 14.43 13.25
N LEU A 202 -1.46 14.00 12.00
CA LEU A 202 -2.16 14.79 10.99
C LEU A 202 -3.28 13.97 10.38
N VAL A 203 -4.51 14.46 10.49
CA VAL A 203 -5.64 13.85 9.80
C VAL A 203 -6.42 14.93 9.04
N ILE A 204 -6.21 14.98 7.73
CA ILE A 204 -6.94 15.92 6.88
C ILE A 204 -8.11 15.20 6.21
N THR A 205 -9.34 15.62 6.51
CA THR A 205 -10.50 15.07 5.85
C THR A 205 -10.70 15.81 4.53
N LEU A 206 -10.57 15.07 3.43
CA LEU A 206 -10.54 15.65 2.08
C LEU A 206 -11.75 16.52 1.73
N GLU A 207 -12.93 16.15 2.26
CA GLU A 207 -14.15 16.87 1.97
C GLU A 207 -14.16 18.27 2.61
N ASP A 208 -13.25 18.48 3.55
CA ASP A 208 -13.11 19.78 4.21
C ASP A 208 -12.26 20.74 3.39
N VAL A 209 -11.61 20.23 2.36
CA VAL A 209 -10.64 21.03 1.61
C VAL A 209 -11.28 21.86 0.48
N GLU A 210 -10.87 23.13 0.38
CA GLU A 210 -11.36 24.03 -0.66
C GLU A 210 -10.40 24.09 -1.85
N TRP A 211 -9.11 24.22 -1.56
CA TRP A 211 -8.11 24.45 -2.59
C TRP A 211 -6.74 23.97 -2.13
N ALA A 212 -5.88 23.63 -3.09
CA ALA A 212 -4.51 23.27 -2.80
C ALA A 212 -3.56 24.09 -3.68
N HIS A 213 -2.47 24.57 -3.10
CA HIS A 213 -1.50 25.35 -3.89
C HIS A 213 -0.10 24.76 -3.75
N LEU A 214 0.55 24.53 -4.89
CA LEU A 214 1.87 23.91 -4.90
C LEU A 214 2.94 25.00 -5.04
N GLU A 215 3.87 25.05 -4.08
CA GLU A 215 4.85 26.12 -4.06
C GLU A 215 6.27 25.64 -4.37
N ARG A 216 7.06 26.55 -4.94
CA ARG A 216 8.43 26.26 -5.38
C ARG A 216 8.50 25.21 -6.47
N VAL A 217 7.44 25.09 -7.27
CA VAL A 217 7.54 24.29 -8.50
C VAL A 217 8.08 25.18 -9.61
N GLN A 218 9.27 24.81 -10.08
CA GLN A 218 10.02 25.60 -11.04
C GLN A 218 11.03 24.66 -11.65
N PHE A 219 11.41 24.95 -12.89
CA PHE A 219 12.41 24.16 -13.61
C PHE A 219 13.64 23.86 -12.74
N GLY A 220 13.98 22.58 -12.63
CA GLY A 220 15.16 22.16 -11.88
C GLY A 220 14.91 21.97 -10.39
N LEU A 221 13.64 21.90 -10.00
CA LEU A 221 13.27 21.76 -8.59
C LEU A 221 13.74 20.42 -7.99
N LYS A 222 14.13 20.47 -6.73
CA LYS A 222 14.52 19.28 -5.99
C LYS A 222 13.32 18.77 -5.22
N ASN A 223 12.57 19.73 -4.67
CA ASN A 223 11.37 19.45 -3.91
C ASN A 223 10.44 20.66 -3.93
N PHE A 224 9.20 20.45 -3.50
CA PHE A 224 8.21 21.51 -3.50
C PHE A 224 7.38 21.47 -2.22
N ASP A 225 6.53 22.46 -2.03
CA ASP A 225 5.68 22.53 -0.86
C ASP A 225 4.21 22.47 -1.24
N LEU A 226 3.40 21.86 -0.38
CA LEU A 226 1.97 21.71 -0.63
C LEU A 226 1.18 22.46 0.45
N VAL A 227 0.24 23.29 0.02
CA VAL A 227 -0.57 24.08 0.96
C VAL A 227 -2.06 23.77 0.78
N PHE A 228 -2.73 23.45 1.90
CA PHE A 228 -4.16 23.15 1.86
C PHE A 228 -4.98 24.32 2.38
N VAL A 229 -5.95 24.77 1.58
CA VAL A 229 -6.89 25.78 2.03
C VAL A 229 -8.23 25.10 2.30
N PHE A 230 -8.82 25.39 3.45
CA PHE A 230 -10.07 24.73 3.85
C PHE A 230 -11.30 25.58 3.53
N LYS A 231 -12.45 24.92 3.40
CA LYS A 231 -13.70 25.62 3.11
C LYS A 231 -14.05 26.62 4.21
N ASP A 232 -13.63 26.33 5.44
CA ASP A 232 -13.69 27.30 6.53
C ASP A 232 -12.43 28.16 6.46
N PHE A 233 -12.60 29.44 6.17
CA PHE A 233 -11.47 30.35 5.93
C PHE A 233 -10.82 30.84 7.21
N THR A 234 -11.43 30.56 8.35
CA THR A 234 -10.86 30.91 9.65
C THR A 234 -9.90 29.81 10.11
N ARG A 235 -9.99 28.66 9.45
CA ARG A 235 -9.09 27.55 9.75
C ARG A 235 -7.74 27.79 9.10
N PRO A 236 -6.66 27.65 9.89
CA PRO A 236 -5.31 27.89 9.37
C PRO A 236 -4.98 26.91 8.26
N VAL A 237 -4.31 27.38 7.21
CA VAL A 237 -3.89 26.50 6.12
C VAL A 237 -2.87 25.50 6.66
N VAL A 238 -2.73 24.37 5.96
CA VAL A 238 -1.75 23.36 6.35
C VAL A 238 -0.63 23.27 5.33
N HIS A 239 0.61 23.46 5.78
CA HIS A 239 1.78 23.32 4.92
C HIS A 239 2.32 21.90 5.03
N ILE A 240 2.53 21.25 3.89
CA ILE A 240 3.32 20.04 3.84
C ILE A 240 4.55 20.34 2.99
N ASN A 241 5.68 20.58 3.65
CA ASN A 241 6.87 21.07 2.96
C ASN A 241 7.85 19.98 2.53
N THR A 242 8.74 20.34 1.61
CA THR A 242 9.85 19.49 1.19
C THR A 242 9.39 18.13 0.67
N ILE A 243 8.47 18.14 -0.29
CA ILE A 243 8.04 16.92 -0.97
C ILE A 243 8.93 16.70 -2.20
N PRO A 244 9.65 15.57 -2.23
CA PRO A 244 10.55 15.24 -3.34
C PRO A 244 9.88 15.38 -4.71
N VAL A 245 10.62 15.90 -5.69
CA VAL A 245 10.08 16.15 -7.03
C VAL A 245 9.63 14.84 -7.71
N GLU A 246 10.22 13.73 -7.28
CA GLU A 246 9.82 12.42 -7.78
C GLU A 246 8.33 12.14 -7.52
N SER A 247 7.75 12.86 -6.55
CA SER A 247 6.36 12.68 -6.17
C SER A 247 5.44 13.80 -6.65
N LEU A 248 5.96 14.74 -7.43
CA LEU A 248 5.17 15.88 -7.88
C LEU A 248 3.92 15.49 -8.67
N GLU A 249 4.07 14.64 -9.67
CA GLU A 249 2.94 14.24 -10.51
C GLU A 249 1.96 13.35 -9.74
N ASP A 250 2.47 12.56 -8.81
CA ASP A 250 1.65 11.68 -7.99
C ASP A 250 0.70 12.47 -7.09
N VAL A 251 1.20 13.55 -6.51
CA VAL A 251 0.39 14.43 -5.67
C VAL A 251 -0.73 15.09 -6.48
N LYS A 252 -0.40 15.52 -7.70
CA LYS A 252 -1.39 16.10 -8.61
C LYS A 252 -2.48 15.09 -8.94
N GLU A 253 -2.06 13.87 -9.23
CA GLU A 253 -3.00 12.80 -9.53
C GLU A 253 -3.88 12.52 -8.32
N PHE A 254 -3.29 12.62 -7.13
CA PHE A 254 -4.04 12.47 -5.89
C PHE A 254 -5.08 13.57 -5.72
N LEU A 255 -4.68 14.82 -5.96
CA LEU A 255 -5.57 15.96 -5.83
C LEU A 255 -6.73 15.86 -6.82
N ASP A 256 -6.42 15.50 -8.07
CA ASP A 256 -7.45 15.28 -9.08
C ASP A 256 -8.41 14.17 -8.66
N SER A 257 -7.85 13.07 -8.17
CA SER A 257 -8.63 11.92 -7.75
C SER A 257 -9.54 12.25 -6.56
N SER A 258 -9.14 13.24 -5.77
CA SER A 258 -9.90 13.65 -4.60
C SER A 258 -10.83 14.82 -4.90
N ASP A 259 -10.86 15.21 -6.17
CA ASP A 259 -11.66 16.36 -6.62
C ASP A 259 -11.30 17.63 -5.86
N ILE A 260 -10.00 17.81 -5.61
CA ILE A 260 -9.49 19.04 -5.02
C ILE A 260 -8.77 19.85 -6.10
N PRO A 261 -9.35 21.01 -6.47
CA PRO A 261 -8.76 21.87 -7.50
C PRO A 261 -7.44 22.44 -6.99
N PHE A 262 -6.48 22.66 -7.87
CA PHE A 262 -5.18 23.15 -7.43
C PHE A 262 -4.49 24.11 -8.38
N SER A 263 -3.50 24.82 -7.85
CA SER A 263 -2.68 25.74 -8.63
C SER A 263 -1.23 25.49 -8.26
N GLU A 264 -0.31 26.13 -8.99
CA GLU A 264 1.11 25.99 -8.69
C GLU A 264 1.87 27.27 -9.02
N GLY A 265 3.00 27.48 -8.35
CA GLY A 265 3.81 28.66 -8.53
C GLY A 265 5.21 28.48 -7.98
N PRO A 266 6.15 29.33 -8.42
CA PRO A 266 7.56 29.23 -8.03
C PRO A 266 7.85 29.74 -6.62
N LEU A 267 6.94 30.51 -6.04
CA LEU A 267 7.19 31.18 -4.76
C LEU A 267 6.38 30.62 -3.60
N ASN A 268 6.93 30.75 -2.39
CA ASN A 268 6.16 30.53 -1.17
C ASN A 268 5.35 31.77 -0.85
N LEU A 269 4.03 31.65 -0.88
CA LEU A 269 3.15 32.79 -0.65
C LEU A 269 2.92 33.03 0.84
N ASN A 270 2.53 34.25 1.18
CA ASN A 270 2.22 34.62 2.56
C ASN A 270 0.72 34.40 2.83
N TRP A 271 0.39 33.25 3.40
CA TRP A 271 -1.00 32.85 3.57
C TRP A 271 -1.70 33.57 4.73
N SER A 272 -0.93 34.16 5.63
CA SER A 272 -1.49 34.98 6.69
C SER A 272 -2.20 36.19 6.08
N VAL A 273 -1.49 36.88 5.18
CA VAL A 273 -2.03 38.03 4.46
C VAL A 273 -3.25 37.66 3.62
N ILE A 274 -3.11 36.57 2.85
CA ILE A 274 -4.17 36.10 1.96
C ILE A 274 -5.44 35.73 2.72
N MET A 275 -5.31 34.86 3.72
CA MET A 275 -6.48 34.40 4.49
C MET A 275 -7.11 35.51 5.33
N LYS A 276 -6.30 36.49 5.73
CA LYS A 276 -6.81 37.67 6.43
C LYS A 276 -7.73 38.46 5.50
N THR A 277 -7.26 38.68 4.28
CA THR A 277 -8.03 39.38 3.24
C THR A 277 -9.32 38.64 2.89
N VAL A 278 -9.22 37.32 2.71
CA VAL A 278 -10.36 36.50 2.31
C VAL A 278 -11.45 36.44 3.39
N THR A 279 -11.04 36.23 4.63
CA THR A 279 -11.99 36.12 5.75
C THR A 279 -12.75 37.43 5.99
N ALA A 280 -12.13 38.56 5.64
CA ALA A 280 -12.74 39.87 5.84
C ALA A 280 -13.93 40.10 4.91
N ASN A 281 -13.80 39.64 3.66
CA ASN A 281 -14.85 39.81 2.66
C ASN A 281 -14.88 38.64 1.68
N PRO A 282 -15.34 37.46 2.14
CA PRO A 282 -15.37 36.28 1.26
C PRO A 282 -16.34 36.42 0.09
N HIS A 283 -17.39 37.21 0.24
CA HIS A 283 -18.35 37.40 -0.86
C HIS A 283 -17.71 38.12 -2.04
N GLN A 284 -16.98 39.19 -1.75
CA GLN A 284 -16.29 39.93 -2.79
C GLN A 284 -15.17 39.08 -3.40
N PHE A 285 -14.56 38.24 -2.57
CA PHE A 285 -13.49 37.37 -3.02
C PHE A 285 -13.97 36.46 -4.14
N PHE A 286 -15.15 35.90 -3.98
CA PHE A 286 -15.69 34.96 -4.97
C PHE A 286 -16.35 35.66 -6.16
N LEU A 287 -16.82 36.88 -5.95
CA LEU A 287 -17.29 37.71 -7.05
C LEU A 287 -16.11 38.08 -7.96
N ASP A 288 -14.92 38.13 -7.37
CA ASP A 288 -13.70 38.46 -8.11
C ASP A 288 -13.04 37.23 -8.73
N GLY A 289 -13.67 36.07 -8.59
CA GLY A 289 -13.20 34.86 -9.24
C GLY A 289 -12.55 33.85 -8.33
N GLY A 290 -12.45 34.18 -7.04
CA GLY A 290 -11.92 33.25 -6.05
C GLY A 290 -10.46 32.92 -6.22
N TRP A 291 -10.14 31.63 -6.12
CA TRP A 291 -8.76 31.16 -6.14
C TRP A 291 -8.15 31.15 -7.54
N GLY A 292 -8.90 31.65 -8.52
CA GLY A 292 -8.43 31.73 -9.89
C GLY A 292 -7.23 32.64 -10.06
N PHE A 293 -7.01 33.53 -9.09
CA PHE A 293 -5.86 34.44 -9.13
C PHE A 293 -4.53 33.69 -8.97
N LEU A 294 -4.62 32.46 -8.48
CA LEU A 294 -3.47 31.59 -8.34
C LEU A 294 -3.20 30.89 -9.68
N GLN A 295 -4.23 30.82 -10.52
CA GLN A 295 -4.09 30.24 -11.85
C GLN A 295 -3.93 31.30 -12.92
N ASN A 296 -2.75 31.34 -13.52
CA ASN A 296 -2.41 32.34 -14.53
C ASN A 296 -3.13 32.13 -15.85
N GLU B 9 -6.29 -30.24 -15.35
CA GLU B 9 -7.71 -29.95 -15.38
C GLU B 9 -8.00 -28.51 -14.98
N GLN B 10 -9.18 -28.03 -15.38
CA GLN B 10 -9.82 -26.87 -14.78
C GLN B 10 -11.30 -27.08 -14.95
N ASP B 11 -12.09 -26.74 -13.94
CA ASP B 11 -13.54 -26.77 -14.08
C ASP B 11 -13.93 -25.80 -15.19
N LYS B 12 -15.14 -25.94 -15.70
CA LYS B 12 -15.59 -25.11 -16.81
C LYS B 12 -16.17 -23.80 -16.30
N LEU B 13 -15.93 -22.71 -17.03
CA LEU B 13 -16.42 -21.40 -16.63
C LEU B 13 -17.93 -21.37 -16.62
N ILE B 14 -18.51 -20.75 -15.60
CA ILE B 14 -19.95 -20.62 -15.49
C ILE B 14 -20.35 -19.18 -15.82
N GLU B 15 -21.03 -19.00 -16.96
CA GLU B 15 -21.35 -17.67 -17.45
C GLU B 15 -22.44 -16.99 -16.62
N ILE B 16 -22.48 -15.66 -16.66
CA ILE B 16 -23.34 -14.89 -15.77
C ILE B 16 -24.79 -14.79 -16.27
N ARG B 17 -25.70 -14.49 -15.35
CA ARG B 17 -27.13 -14.73 -15.56
C ARG B 17 -28.07 -13.53 -15.32
N ASN B 18 -28.13 -12.60 -16.26
CA ASN B 18 -27.38 -12.65 -17.51
C ASN B 18 -26.74 -11.30 -17.77
N ARG B 20 -24.83 -6.34 -17.12
CA ARG B 20 -23.58 -7.07 -16.97
C ARG B 20 -23.60 -8.40 -17.74
N PRO B 21 -22.47 -9.14 -17.83
CA PRO B 21 -21.15 -9.14 -17.16
C PRO B 21 -20.41 -7.82 -17.16
N ALA B 22 -19.88 -7.45 -16.00
CA ALA B 22 -18.98 -6.29 -15.92
C ALA B 22 -17.83 -6.55 -16.88
N VAL B 23 -17.36 -5.49 -17.53
CA VAL B 23 -16.45 -5.68 -18.66
C VAL B 23 -15.34 -4.62 -18.72
N LEU B 24 -14.19 -5.03 -19.24
CA LEU B 24 -13.10 -4.11 -19.55
C LEU B 24 -12.79 -4.22 -21.04
N ASP B 25 -13.11 -3.17 -21.80
CA ASP B 25 -13.00 -3.23 -23.26
C ASP B 25 -11.65 -2.81 -23.80
N ASN B 26 -11.40 -3.18 -25.05
CA ASN B 26 -10.26 -2.67 -25.80
C ASN B 26 -8.94 -2.91 -25.10
N VAL B 27 -8.70 -4.16 -24.72
CA VAL B 27 -7.57 -4.54 -23.90
C VAL B 27 -6.79 -5.67 -24.55
N TYR B 28 -5.46 -5.59 -24.49
CA TYR B 28 -4.62 -6.60 -25.11
C TYR B 28 -4.21 -7.66 -24.09
N ILE B 29 -3.93 -8.88 -24.59
CA ILE B 29 -3.56 -9.98 -23.72
C ILE B 29 -2.11 -10.43 -23.93
N ARG B 30 -1.44 -10.77 -22.83
CA ARG B 30 -0.13 -11.40 -22.87
C ARG B 30 -0.12 -12.57 -21.90
N PRO B 31 0.39 -13.74 -22.33
CA PRO B 31 0.98 -14.11 -23.63
C PRO B 31 0.04 -13.92 -24.81
N ALA B 32 0.60 -13.58 -25.96
CA ALA B 32 -0.19 -13.35 -27.16
C ALA B 32 -0.93 -14.63 -27.57
N LEU B 33 -2.19 -14.48 -27.96
CA LEU B 33 -2.89 -15.59 -28.59
C LEU B 33 -2.31 -15.78 -29.99
N GLU B 34 -2.53 -16.95 -30.59
CA GLU B 34 -1.94 -17.23 -31.91
C GLU B 34 -2.60 -16.42 -33.01
N GLY B 35 -1.81 -15.98 -33.98
CA GLY B 35 -2.32 -15.22 -35.10
C GLY B 35 -2.07 -13.73 -34.94
N LYS B 36 -2.85 -12.92 -35.64
CA LYS B 36 -2.62 -11.48 -35.63
C LYS B 36 -3.16 -10.78 -34.39
N ARG B 37 -2.47 -9.71 -34.01
CA ARG B 37 -2.70 -9.05 -32.73
C ARG B 37 -3.93 -8.14 -32.77
N VAL B 38 -4.94 -8.50 -31.98
CA VAL B 38 -6.16 -7.69 -31.86
C VAL B 38 -6.47 -7.43 -30.39
N PRO B 39 -7.06 -6.27 -30.08
CA PRO B 39 -7.51 -6.04 -28.71
C PRO B 39 -8.78 -6.84 -28.47
N GLY B 40 -9.06 -7.18 -27.21
CA GLY B 40 -10.28 -7.87 -26.87
C GLY B 40 -10.92 -7.27 -25.64
N LYS B 41 -11.72 -8.05 -24.94
CA LYS B 41 -12.35 -7.58 -23.72
C LYS B 41 -12.33 -8.66 -22.64
N VAL B 42 -12.47 -8.25 -21.39
CA VAL B 42 -12.49 -9.20 -20.28
C VAL B 42 -13.84 -9.13 -19.58
N GLU B 43 -14.47 -10.28 -19.37
CA GLU B 43 -15.76 -10.34 -18.69
C GLU B 43 -15.63 -11.05 -17.35
N ILE B 44 -16.36 -10.56 -16.35
CA ILE B 44 -16.41 -11.22 -15.05
C ILE B 44 -17.65 -12.11 -15.00
N HIS B 45 -17.45 -13.39 -14.73
CA HIS B 45 -18.58 -14.31 -14.64
C HIS B 45 -18.74 -14.88 -13.23
N GLN B 46 -19.48 -15.97 -13.11
CA GLN B 46 -19.85 -16.50 -11.81
C GLN B 46 -18.67 -17.04 -11.01
N ASN B 47 -17.79 -17.79 -11.68
CA ASN B 47 -16.69 -18.47 -11.01
C ASN B 47 -15.33 -18.14 -11.61
N GLY B 48 -15.25 -17.04 -12.36
CA GLY B 48 -14.00 -16.63 -12.96
C GLY B 48 -14.18 -15.56 -14.02
N ILE B 49 -13.17 -15.40 -14.86
CA ILE B 49 -13.20 -14.38 -15.91
C ILE B 49 -12.98 -15.00 -17.29
N ARG B 50 -13.35 -14.25 -18.33
CA ARG B 50 -13.17 -14.70 -19.70
C ARG B 50 -12.61 -13.60 -20.57
N TYR B 51 -11.54 -13.90 -21.31
CA TYR B 51 -11.04 -12.99 -22.33
C TYR B 51 -11.49 -13.47 -23.70
N GLN B 52 -11.87 -12.53 -24.56
CA GLN B 52 -12.26 -12.84 -25.92
C GLN B 52 -12.25 -11.54 -26.74
N SER B 53 -12.11 -11.68 -28.05
CA SER B 53 -12.09 -10.52 -28.93
C SER B 53 -13.21 -10.61 -29.95
N PRO B 54 -14.00 -9.53 -30.09
CA PRO B 54 -15.05 -9.47 -31.10
C PRO B 54 -14.47 -9.31 -32.51
N LEU B 55 -13.14 -9.19 -32.58
CA LEU B 55 -12.42 -9.12 -33.85
C LEU B 55 -11.80 -10.48 -34.22
N SER B 56 -11.90 -11.43 -33.30
CA SER B 56 -11.52 -12.82 -33.56
C SER B 56 -12.43 -13.70 -32.70
N THR B 57 -13.56 -14.12 -33.28
CA THR B 57 -14.70 -14.64 -32.51
C THR B 57 -14.53 -16.05 -31.91
N THR B 58 -13.40 -16.70 -32.19
CA THR B 58 -13.13 -18.01 -31.62
C THR B 58 -12.13 -17.96 -30.47
N GLN B 59 -11.42 -16.84 -30.33
CA GLN B 59 -10.46 -16.67 -29.26
C GLN B 59 -11.13 -16.76 -27.90
N ARG B 60 -10.60 -17.61 -27.02
CA ARG B 60 -11.11 -17.69 -25.66
C ARG B 60 -10.03 -18.08 -24.65
N VAL B 61 -10.00 -17.34 -23.54
CA VAL B 61 -9.17 -17.69 -22.39
C VAL B 61 -9.99 -17.51 -21.13
N ASP B 62 -10.33 -18.62 -20.47
CA ASP B 62 -11.07 -18.56 -19.21
C ASP B 62 -10.15 -18.81 -18.04
N VAL B 63 -10.34 -18.05 -16.97
CA VAL B 63 -9.55 -18.20 -15.75
C VAL B 63 -10.47 -18.23 -14.54
N LEU B 64 -10.47 -19.36 -13.83
CA LEU B 64 -11.28 -19.48 -12.63
C LEU B 64 -10.67 -18.72 -11.46
N PHE B 65 -11.51 -18.19 -10.59
CA PHE B 65 -11.06 -17.51 -9.38
C PHE B 65 -10.21 -18.45 -8.54
N SER B 66 -10.57 -19.73 -8.57
CA SER B 66 -9.90 -20.75 -7.77
C SER B 66 -8.50 -21.07 -8.27
N ASN B 67 -8.16 -20.55 -9.45
CA ASN B 67 -6.84 -20.75 -10.03
C ASN B 67 -5.99 -19.48 -9.99
N ILE B 68 -6.49 -18.44 -9.32
CA ILE B 68 -5.77 -17.19 -9.23
C ILE B 68 -5.06 -17.07 -7.88
N ARG B 69 -3.73 -17.15 -7.89
CA ARG B 69 -2.98 -17.02 -6.65
C ARG B 69 -2.77 -15.55 -6.32
N HIS B 70 -2.40 -14.76 -7.32
CA HIS B 70 -2.23 -13.33 -7.13
C HIS B 70 -2.92 -12.54 -8.24
N LEU B 71 -3.47 -11.38 -7.87
CA LEU B 71 -4.04 -10.45 -8.83
C LEU B 71 -3.35 -9.11 -8.65
N PHE B 72 -2.62 -8.66 -9.66
CA PHE B 72 -1.90 -7.40 -9.56
C PHE B 72 -2.51 -6.32 -10.43
N PHE B 73 -2.59 -5.10 -9.91
CA PHE B 73 -2.84 -3.94 -10.75
C PHE B 73 -1.60 -3.07 -10.76
N GLN B 74 -1.06 -2.82 -11.95
CA GLN B 74 0.07 -1.91 -12.07
C GLN B 74 -0.26 -0.72 -12.95
N PRO B 75 -0.41 0.46 -12.34
CA PRO B 75 -0.65 1.71 -13.08
C PRO B 75 0.61 2.11 -13.84
N CYS B 76 0.49 3.04 -14.79
CA CYS B 76 1.65 3.54 -15.52
C CYS B 76 2.76 4.02 -14.59
N GLN B 77 3.89 3.32 -14.60
CA GLN B 77 5.02 3.66 -13.74
C GLN B 77 6.16 4.31 -14.51
N GLU B 79 6.87 4.29 -18.28
CA GLU B 79 6.91 2.95 -18.87
C GLU B 79 5.83 2.81 -19.92
N MET B 80 4.83 3.69 -19.87
CA MET B 80 3.79 3.82 -20.90
C MET B 80 2.94 2.55 -21.05
N ILE B 81 2.45 2.02 -19.92
CA ILE B 81 1.63 0.81 -19.94
C ILE B 81 0.88 0.60 -18.62
N VAL B 82 -0.40 0.24 -18.70
CA VAL B 82 -1.19 -0.08 -17.52
C VAL B 82 -1.59 -1.55 -17.56
N ILE B 83 -1.42 -2.25 -16.44
CA ILE B 83 -1.50 -3.70 -16.43
C ILE B 83 -2.42 -4.26 -15.34
N ILE B 84 -3.21 -5.27 -15.71
CA ILE B 84 -3.82 -6.17 -14.73
C ILE B 84 -3.21 -7.54 -14.96
N HIS B 85 -2.60 -8.11 -13.93
CA HIS B 85 -1.83 -9.35 -14.09
C HIS B 85 -2.36 -10.46 -13.18
N LEU B 86 -2.61 -11.62 -13.77
CA LEU B 86 -3.06 -12.79 -13.01
C LEU B 86 -1.90 -13.76 -12.85
N HIS B 87 -1.54 -14.08 -11.61
CA HIS B 87 -0.60 -15.17 -11.40
C HIS B 87 -1.35 -16.42 -10.95
N LEU B 88 -1.16 -17.50 -11.69
CA LEU B 88 -1.99 -18.69 -11.50
C LEU B 88 -1.36 -19.75 -10.60
N LYS B 89 -2.23 -20.58 -9.99
CA LYS B 89 -1.78 -21.65 -9.11
C LYS B 89 -1.23 -22.81 -9.95
N ASP B 90 -2.03 -23.25 -10.92
CA ASP B 90 -1.58 -24.23 -11.89
C ASP B 90 -1.69 -23.64 -13.28
N PRO B 91 -0.74 -23.95 -14.17
CA PRO B 91 -0.76 -23.38 -15.53
C PRO B 91 -1.95 -23.85 -16.34
N ILE B 92 -2.30 -23.11 -17.38
CA ILE B 92 -3.37 -23.48 -18.29
C ILE B 92 -2.84 -23.48 -19.73
N LEU B 93 -3.61 -24.02 -20.66
CA LEU B 93 -3.16 -24.13 -22.05
C LEU B 93 -3.38 -22.85 -22.87
N PHE B 94 -2.34 -22.41 -23.58
CA PHE B 94 -2.41 -21.26 -24.48
C PHE B 94 -2.09 -21.69 -25.90
N GLY B 95 -2.97 -22.49 -26.48
CA GLY B 95 -2.71 -23.09 -27.77
C GLY B 95 -1.75 -24.25 -27.61
N LYS B 96 -0.56 -24.12 -28.17
CA LYS B 96 0.42 -25.20 -28.14
C LYS B 96 1.46 -25.02 -27.03
N LYS B 97 1.32 -23.95 -26.24
CA LYS B 97 2.18 -23.72 -25.09
C LYS B 97 1.34 -23.48 -23.84
N LYS B 98 1.98 -23.35 -22.69
CA LYS B 98 1.26 -23.19 -21.43
C LYS B 98 1.79 -22.04 -20.57
N THR B 99 0.92 -21.44 -19.78
CA THR B 99 1.27 -20.26 -19.01
C THR B 99 0.75 -20.31 -17.58
N LYS B 100 1.50 -19.73 -16.65
CA LYS B 100 1.03 -19.57 -15.28
C LYS B 100 0.88 -18.09 -14.99
N ASP B 101 1.07 -17.29 -16.04
CA ASP B 101 0.89 -15.84 -15.97
C ASP B 101 0.15 -15.33 -17.21
N VAL B 102 -0.98 -14.66 -16.96
CA VAL B 102 -1.73 -14.02 -18.03
C VAL B 102 -2.09 -12.60 -17.60
N GLN B 103 -1.84 -11.63 -18.47
CA GLN B 103 -2.12 -10.23 -18.12
C GLN B 103 -2.90 -9.51 -19.20
N PHE B 104 -3.56 -8.43 -18.80
CA PHE B 104 -4.30 -7.59 -19.73
C PHE B 104 -3.74 -6.18 -19.61
N TYR B 105 -3.56 -5.50 -20.74
CA TYR B 105 -2.89 -4.21 -20.71
C TYR B 105 -3.31 -3.28 -21.83
N ARG B 106 -2.87 -2.04 -21.71
CA ARG B 106 -3.01 -1.05 -22.77
C ARG B 106 -1.81 -0.12 -22.74
N GLU B 107 -1.39 0.33 -23.92
CA GLU B 107 -0.39 1.38 -24.01
C GLU B 107 -1.12 2.68 -24.29
N ALA B 108 -0.49 3.80 -23.95
CA ALA B 108 -1.08 5.11 -24.23
C ALA B 108 -0.40 5.76 -25.43
N GLU B 132 -0.74 23.79 -19.54
CA GLU B 132 -2.17 23.53 -19.39
C GLU B 132 -2.57 22.21 -20.04
N ALA B 133 -2.38 22.12 -21.36
CA ALA B 133 -2.72 20.92 -22.12
C ALA B 133 -2.10 19.68 -21.47
N GLU B 134 -0.94 19.88 -20.86
CA GLU B 134 -0.28 18.90 -20.01
C GLU B 134 -1.26 18.16 -19.09
N GLN B 135 -2.23 18.90 -18.56
CA GLN B 135 -3.20 18.34 -17.61
C GLN B 135 -4.29 17.51 -18.30
N GLU B 136 -4.46 17.71 -19.60
CA GLU B 136 -5.38 16.87 -20.36
C GLU B 136 -4.79 15.47 -20.52
N GLU B 137 -3.48 15.41 -20.71
CA GLU B 137 -2.76 14.13 -20.71
C GLU B 137 -2.77 13.52 -19.31
N ARG B 138 -2.99 14.34 -18.29
CA ARG B 138 -3.10 13.82 -16.94
C ARG B 138 -4.43 13.08 -16.75
N ARG B 139 -5.52 13.70 -17.19
CA ARG B 139 -6.84 13.07 -17.02
C ARG B 139 -7.04 11.90 -17.98
N ARG B 140 -6.31 11.90 -19.10
CA ARG B 140 -6.28 10.74 -19.98
C ARG B 140 -5.68 9.56 -19.24
N LYS B 141 -4.46 9.78 -18.74
CA LYS B 141 -3.75 8.82 -17.91
C LYS B 141 -4.59 8.36 -16.73
N ALA B 142 -5.25 9.33 -16.08
CA ALA B 142 -6.01 9.09 -14.87
C ALA B 142 -7.19 8.13 -15.04
N GLU B 143 -7.91 8.24 -16.16
CA GLU B 143 -9.08 7.40 -16.41
C GLU B 143 -8.71 6.05 -17.02
N LEU B 144 -7.54 5.98 -17.64
CA LEU B 144 -6.99 4.70 -18.08
C LEU B 144 -6.66 3.89 -16.83
N ASP B 145 -6.06 4.56 -15.86
CA ASP B 145 -5.80 3.97 -14.55
C ASP B 145 -7.09 3.58 -13.85
N ARG B 146 -8.09 4.47 -13.90
CA ARG B 146 -9.34 4.25 -13.18
C ARG B 146 -10.11 3.07 -13.74
N LEU B 147 -10.16 2.96 -15.06
CA LEU B 147 -10.80 1.83 -15.72
C LEU B 147 -10.22 0.49 -15.25
N PHE B 148 -8.90 0.41 -15.20
CA PHE B 148 -8.21 -0.81 -14.82
C PHE B 148 -8.31 -1.12 -13.33
N LYS B 149 -8.10 -0.09 -12.51
CA LYS B 149 -8.19 -0.25 -11.06
C LYS B 149 -9.59 -0.67 -10.61
N SER B 150 -10.61 -0.04 -11.20
CA SER B 150 -11.99 -0.37 -10.87
C SER B 150 -12.35 -1.81 -11.26
N PHE B 151 -11.88 -2.24 -12.43
CA PHE B 151 -12.16 -3.59 -12.91
C PHE B 151 -11.47 -4.64 -12.04
N ALA B 152 -10.26 -4.32 -11.59
CA ALA B 152 -9.50 -5.22 -10.75
C ALA B 152 -10.20 -5.48 -9.42
N GLU B 153 -10.74 -4.44 -8.81
CA GLU B 153 -11.46 -4.55 -7.55
C GLU B 153 -12.72 -5.41 -7.69
N LYS B 154 -13.35 -5.34 -8.86
CA LYS B 154 -14.53 -6.14 -9.16
C LYS B 154 -14.19 -7.62 -9.26
N ILE B 155 -13.02 -7.91 -9.83
CA ILE B 155 -12.52 -9.28 -9.89
C ILE B 155 -12.31 -9.81 -8.47
N ALA B 156 -11.64 -9.00 -7.66
CA ALA B 156 -11.40 -9.34 -6.26
C ALA B 156 -12.72 -9.55 -5.52
N GLU B 157 -13.63 -8.60 -5.65
CA GLU B 157 -14.95 -8.69 -5.01
C GLU B 157 -15.73 -9.92 -5.47
N ALA B 158 -15.70 -10.18 -6.77
CA ALA B 158 -16.37 -11.37 -7.31
C ALA B 158 -15.71 -12.64 -6.83
N GLY B 159 -14.40 -12.58 -6.59
CA GLY B 159 -13.66 -13.75 -6.14
C GLY B 159 -13.36 -13.79 -4.65
N ARG B 160 -14.13 -13.06 -3.85
CA ARG B 160 -13.85 -12.95 -2.41
C ARG B 160 -13.99 -14.26 -1.62
N ASN B 161 -14.65 -15.25 -2.20
CA ASN B 161 -14.70 -16.58 -1.60
C ASN B 161 -13.32 -17.25 -1.64
N GLU B 162 -12.62 -17.05 -2.76
CA GLU B 162 -11.29 -17.61 -2.96
C GLU B 162 -10.20 -16.74 -2.33
N GLY B 163 -10.65 -15.67 -1.66
CA GLY B 163 -9.75 -14.76 -0.97
C GLY B 163 -8.81 -14.00 -1.89
N ILE B 164 -9.32 -13.61 -3.06
CA ILE B 164 -8.54 -12.81 -3.99
C ILE B 164 -8.57 -11.35 -3.55
N GLU B 165 -7.39 -10.72 -3.52
CA GLU B 165 -7.28 -9.31 -3.20
C GLU B 165 -6.38 -8.65 -4.22
N VAL B 166 -6.64 -7.38 -4.53
CA VAL B 166 -5.79 -6.65 -5.46
C VAL B 166 -4.48 -6.26 -4.78
N ASP B 167 -3.37 -6.68 -5.37
CA ASP B 167 -2.06 -6.36 -4.83
C ASP B 167 -1.36 -5.39 -5.79
N MET B 168 -0.55 -4.49 -5.24
CA MET B 168 0.08 -3.46 -6.06
C MET B 168 1.56 -3.32 -5.72
N PRO B 169 2.38 -3.08 -6.76
CA PRO B 169 3.81 -2.83 -6.53
C PRO B 169 4.01 -1.50 -5.80
N ILE B 170 4.92 -1.49 -4.83
CA ILE B 170 5.30 -0.27 -4.14
C ILE B 170 6.50 0.32 -4.88
N ARG B 171 6.21 1.24 -5.81
CA ARG B 171 7.20 1.85 -6.68
C ARG B 171 8.43 2.40 -5.95
N ASP B 172 8.22 2.93 -4.75
CA ASP B 172 9.30 3.54 -3.98
C ASP B 172 10.33 2.51 -3.50
N LEU B 173 9.93 1.24 -3.49
CA LEU B 173 10.81 0.17 -3.01
C LEU B 173 11.44 -0.61 -4.16
N GLY B 174 11.17 -0.18 -5.39
CA GLY B 174 11.71 -0.86 -6.57
C GLY B 174 13.21 -0.76 -6.67
N PHE B 175 13.83 -1.76 -7.29
CA PHE B 175 15.25 -1.73 -7.58
C PHE B 175 15.56 -2.35 -8.93
N ASN B 176 16.64 -1.87 -9.58
CA ASN B 176 17.01 -2.37 -10.90
C ASN B 176 17.76 -3.69 -10.84
N GLY B 177 17.56 -4.53 -11.86
CA GLY B 177 18.19 -5.84 -11.91
C GLY B 177 18.00 -6.52 -13.24
N VAL B 178 18.68 -7.66 -13.42
CA VAL B 178 18.59 -8.44 -14.65
C VAL B 178 18.26 -9.88 -14.33
N PRO B 179 16.97 -10.23 -14.31
CA PRO B 179 16.53 -11.61 -14.08
C PRO B 179 16.79 -12.46 -15.33
N ASN B 180 16.76 -11.80 -16.48
CA ASN B 180 17.00 -12.49 -17.74
C ASN B 180 18.13 -11.83 -18.55
N ARG B 181 17.82 -10.79 -19.32
CA ARG B 181 18.83 -10.15 -20.17
C ARG B 181 18.85 -8.61 -20.10
N SER B 182 17.66 -8.02 -20.06
CA SER B 182 17.54 -6.57 -20.03
C SER B 182 17.40 -6.03 -18.60
N ASN B 183 17.92 -4.82 -18.38
CA ASN B 183 17.73 -4.16 -17.10
C ASN B 183 16.27 -3.76 -16.94
N VAL B 184 15.65 -4.22 -15.85
CA VAL B 184 14.26 -3.93 -15.56
C VAL B 184 14.15 -3.55 -14.10
N VAL B 185 13.01 -2.99 -13.72
CA VAL B 185 12.79 -2.67 -12.32
C VAL B 185 12.01 -3.79 -11.64
N ILE B 186 12.49 -4.24 -10.49
CA ILE B 186 11.82 -5.27 -9.71
C ILE B 186 11.07 -4.61 -8.57
N TYR B 187 9.81 -4.97 -8.38
CA TYR B 187 8.97 -4.29 -7.38
C TYR B 187 8.48 -5.22 -6.27
N PRO B 188 8.69 -4.82 -5.01
CA PRO B 188 8.03 -5.47 -3.89
C PRO B 188 6.55 -5.12 -3.91
N THR B 189 5.70 -6.09 -3.61
CA THR B 189 4.28 -5.83 -3.38
C THR B 189 3.98 -6.18 -1.94
N THR B 190 2.71 -6.39 -1.61
CA THR B 190 2.33 -6.79 -0.27
C THR B 190 2.81 -8.22 0.04
N GLU B 191 2.68 -9.11 -0.93
CA GLU B 191 3.01 -10.51 -0.74
C GLU B 191 4.15 -10.99 -1.65
N CYS B 192 4.52 -10.17 -2.63
CA CYS B 192 5.41 -10.67 -3.68
C CYS B 192 6.58 -9.75 -4.05
N LEU B 193 7.42 -10.26 -4.94
CA LEU B 193 8.45 -9.48 -5.60
C LEU B 193 8.27 -9.74 -7.09
N ILE B 194 7.91 -8.71 -7.85
CA ILE B 194 7.45 -8.95 -9.23
C ILE B 194 8.17 -8.14 -10.32
N GLN B 195 8.08 -8.65 -11.54
CA GLN B 195 8.50 -7.94 -12.74
C GLN B 195 7.51 -8.35 -13.83
N ILE B 196 6.51 -7.51 -14.04
CA ILE B 196 5.42 -7.83 -14.96
C ILE B 196 5.28 -6.79 -16.07
N THR B 197 6.21 -5.83 -16.10
CA THR B 197 6.19 -4.77 -17.11
C THR B 197 6.50 -5.31 -18.50
N GLU B 198 7.48 -6.22 -18.57
CA GLU B 198 7.87 -6.84 -19.83
C GLU B 198 8.19 -8.33 -19.63
N PRO B 199 7.90 -9.15 -20.65
CA PRO B 199 8.18 -10.59 -20.60
C PRO B 199 9.69 -10.88 -20.70
N PRO B 200 10.13 -12.04 -20.14
CA PRO B 200 9.29 -12.98 -19.41
C PRO B 200 8.95 -12.47 -18.01
N PHE B 201 7.72 -12.70 -17.60
CA PHE B 201 7.22 -12.19 -16.32
C PHE B 201 7.81 -12.94 -15.14
N LEU B 202 8.10 -12.21 -14.06
CA LEU B 202 8.58 -12.81 -12.83
C LEU B 202 7.65 -12.46 -11.68
N VAL B 203 7.13 -13.48 -11.01
CA VAL B 203 6.34 -13.29 -9.81
C VAL B 203 6.88 -14.21 -8.72
N ILE B 204 7.58 -13.62 -7.75
CA ILE B 204 8.09 -14.38 -6.61
C ILE B 204 7.19 -14.19 -5.40
N THR B 205 6.59 -15.27 -4.92
CA THR B 205 5.78 -15.22 -3.71
C THR B 205 6.68 -15.40 -2.49
N LEU B 206 6.74 -14.38 -1.65
CA LEU B 206 7.71 -14.33 -0.55
C LEU B 206 7.67 -15.52 0.41
N GLU B 207 6.47 -16.05 0.66
CA GLU B 207 6.33 -17.16 1.60
C GLU B 207 6.86 -18.48 1.03
N ASP B 208 7.14 -18.50 -0.28
CA ASP B 208 7.72 -19.67 -0.92
C ASP B 208 9.24 -19.72 -0.76
N VAL B 209 9.83 -18.61 -0.30
CA VAL B 209 11.28 -18.46 -0.24
C VAL B 209 11.89 -19.06 1.02
N GLU B 210 12.99 -19.80 0.85
CA GLU B 210 13.72 -20.42 1.95
C GLU B 210 14.87 -19.54 2.45
N TRP B 211 15.69 -19.09 1.53
CA TRP B 211 16.91 -18.37 1.87
C TRP B 211 17.32 -17.49 0.68
N ALA B 212 18.05 -16.42 0.96
CA ALA B 212 18.57 -15.56 -0.10
C ALA B 212 20.08 -15.44 0.02
N HIS B 213 20.78 -15.38 -1.10
CA HIS B 213 22.24 -15.24 -1.06
C HIS B 213 22.71 -14.10 -1.95
N LEU B 214 23.42 -13.15 -1.35
CA LEU B 214 23.96 -12.02 -2.09
C LEU B 214 25.34 -12.38 -2.61
N GLU B 215 25.53 -12.27 -3.93
CA GLU B 215 26.79 -12.68 -4.53
C GLU B 215 27.59 -11.49 -5.03
N ARG B 216 28.92 -11.63 -5.03
CA ARG B 216 29.86 -10.60 -5.47
C ARG B 216 29.81 -9.33 -4.62
N VAL B 217 29.45 -9.45 -3.36
CA VAL B 217 29.59 -8.32 -2.44
C VAL B 217 31.00 -8.34 -1.83
N GLN B 218 31.81 -7.37 -2.25
CA GLN B 218 33.18 -7.22 -1.81
C GLN B 218 33.56 -5.80 -2.23
N PHE B 219 34.70 -5.32 -1.76
CA PHE B 219 35.07 -3.91 -1.96
C PHE B 219 35.18 -3.49 -3.43
N GLY B 220 34.60 -2.33 -3.74
CA GLY B 220 34.88 -1.65 -4.99
C GLY B 220 34.01 -2.00 -6.20
N LEU B 221 33.16 -3.01 -6.07
CA LEU B 221 32.31 -3.40 -7.19
C LEU B 221 31.11 -2.44 -7.32
N LYS B 222 30.66 -2.21 -8.55
CA LYS B 222 29.54 -1.28 -8.79
C LYS B 222 28.18 -1.97 -8.73
N ASN B 223 28.19 -3.30 -8.69
CA ASN B 223 26.94 -4.05 -8.61
C ASN B 223 27.11 -5.44 -7.97
N PHE B 224 25.97 -6.05 -7.62
CA PHE B 224 25.97 -7.36 -6.99
C PHE B 224 24.83 -8.20 -7.54
N ASP B 225 24.76 -9.46 -7.11
CA ASP B 225 23.72 -10.37 -7.58
C ASP B 225 22.92 -10.92 -6.41
N LEU B 226 21.66 -11.26 -6.68
CA LEU B 226 20.75 -11.77 -5.65
C LEU B 226 20.16 -13.11 -6.09
N VAL B 227 20.27 -14.12 -5.22
CA VAL B 227 19.77 -15.46 -5.53
C VAL B 227 18.73 -15.91 -4.51
N PHE B 228 17.58 -16.36 -5.00
CA PHE B 228 16.51 -16.86 -4.14
C PHE B 228 16.43 -18.39 -4.14
N VAL B 229 16.53 -19.00 -2.96
CA VAL B 229 16.32 -20.43 -2.82
C VAL B 229 14.90 -20.63 -2.30
N PHE B 230 14.21 -21.64 -2.83
CA PHE B 230 12.83 -21.88 -2.42
C PHE B 230 12.72 -23.06 -1.45
N LYS B 231 11.65 -23.06 -0.64
CA LYS B 231 11.41 -24.12 0.32
C LYS B 231 11.29 -25.48 -0.38
N ASP B 232 10.75 -25.46 -1.61
CA ASP B 232 10.77 -26.63 -2.48
C ASP B 232 12.14 -26.68 -3.17
N PHE B 233 12.96 -27.65 -2.78
CA PHE B 233 14.34 -27.71 -3.24
C PHE B 233 14.49 -28.22 -4.68
N THR B 234 13.39 -28.68 -5.27
CA THR B 234 13.39 -29.14 -6.65
C THR B 234 13.20 -27.96 -7.61
N ARG B 235 12.75 -26.84 -7.05
CA ARG B 235 12.53 -25.64 -7.84
C ARG B 235 13.84 -24.89 -8.06
N PRO B 236 14.16 -24.61 -9.33
CA PRO B 236 15.37 -23.87 -9.68
C PRO B 236 15.43 -22.53 -8.96
N VAL B 237 16.61 -22.16 -8.48
CA VAL B 237 16.78 -20.86 -7.82
C VAL B 237 16.57 -19.73 -8.82
N VAL B 238 16.23 -18.55 -8.32
CA VAL B 238 16.06 -17.40 -9.19
C VAL B 238 17.22 -16.42 -9.00
N HIS B 239 17.92 -16.13 -10.10
CA HIS B 239 18.99 -15.16 -10.08
C HIS B 239 18.46 -13.79 -10.47
N ILE B 240 18.78 -12.77 -9.68
CA ILE B 240 18.60 -11.39 -10.12
C ILE B 240 19.97 -10.72 -10.14
N ASN B 241 20.52 -10.57 -11.33
CA ASN B 241 21.91 -10.13 -11.48
C ASN B 241 22.07 -8.63 -11.71
N THR B 242 23.27 -8.14 -11.41
CA THR B 242 23.68 -6.78 -11.77
C THR B 242 22.79 -5.70 -11.13
N ILE B 243 22.55 -5.84 -9.84
CA ILE B 243 21.83 -4.82 -9.08
C ILE B 243 22.85 -3.78 -8.62
N PRO B 244 22.64 -2.51 -9.00
CA PRO B 244 23.59 -1.43 -8.64
C PRO B 244 23.88 -1.41 -7.14
N VAL B 245 25.15 -1.24 -6.77
CA VAL B 245 25.61 -1.35 -5.39
C VAL B 245 24.97 -0.30 -4.46
N GLU B 246 24.51 0.80 -5.03
CA GLU B 246 23.83 1.83 -4.24
C GLU B 246 22.44 1.40 -3.80
N SER B 247 22.01 0.22 -4.24
CA SER B 247 20.75 -0.37 -3.80
C SER B 247 20.97 -1.53 -2.84
N LEU B 248 22.22 -1.79 -2.49
CA LEU B 248 22.57 -2.93 -1.63
C LEU B 248 21.88 -2.88 -0.27
N GLU B 249 21.97 -1.75 0.41
CA GLU B 249 21.38 -1.59 1.73
C GLU B 249 19.85 -1.63 1.67
N ASP B 250 19.29 -1.07 0.59
CA ASP B 250 17.84 -1.12 0.37
C ASP B 250 17.35 -2.57 0.20
N VAL B 251 18.12 -3.37 -0.54
CA VAL B 251 17.78 -4.77 -0.77
C VAL B 251 17.87 -5.58 0.52
N LYS B 252 18.90 -5.33 1.32
CA LYS B 252 19.05 -5.96 2.63
C LYS B 252 17.86 -5.60 3.52
N GLU B 253 17.48 -4.32 3.50
CA GLU B 253 16.35 -3.85 4.27
C GLU B 253 15.05 -4.52 3.82
N PHE B 254 14.92 -4.74 2.52
CA PHE B 254 13.76 -5.43 1.97
C PHE B 254 13.69 -6.87 2.46
N LEU B 255 14.83 -7.57 2.41
CA LEU B 255 14.90 -8.94 2.87
C LEU B 255 14.60 -9.03 4.36
N ASP B 256 15.16 -8.11 5.13
CA ASP B 256 14.94 -8.05 6.56
C ASP B 256 13.47 -7.76 6.87
N SER B 257 12.89 -6.84 6.11
CA SER B 257 11.48 -6.50 6.27
C SER B 257 10.58 -7.64 5.87
N SER B 258 10.99 -8.41 4.86
CA SER B 258 10.21 -9.54 4.39
C SER B 258 10.49 -10.78 5.24
N ASP B 259 11.41 -10.63 6.19
CA ASP B 259 11.81 -11.72 7.07
C ASP B 259 12.30 -12.93 6.26
N ILE B 260 13.11 -12.63 5.25
CA ILE B 260 13.80 -13.65 4.47
C ILE B 260 15.26 -13.64 4.92
N PRO B 261 15.70 -14.72 5.58
CA PRO B 261 17.08 -14.79 6.07
C PRO B 261 18.03 -14.83 4.90
N PHE B 262 19.19 -14.18 5.01
CA PHE B 262 20.10 -14.12 3.88
C PHE B 262 21.58 -14.17 4.25
N SER B 263 22.41 -14.45 3.25
CA SER B 263 23.85 -14.48 3.44
C SER B 263 24.55 -13.67 2.35
N GLU B 264 25.84 -13.40 2.54
CA GLU B 264 26.61 -12.68 1.53
C GLU B 264 27.91 -13.42 1.23
N GLY B 265 28.40 -13.26 0.00
CA GLY B 265 29.66 -13.86 -0.41
C GLY B 265 30.27 -13.11 -1.57
N PRO B 266 31.60 -13.22 -1.75
CA PRO B 266 32.31 -12.51 -2.81
C PRO B 266 32.21 -13.17 -4.18
N LEU B 267 31.84 -14.46 -4.22
CA LEU B 267 31.79 -15.20 -5.48
C LEU B 267 30.39 -15.61 -5.90
N ASN B 268 30.22 -15.81 -7.21
CA ASN B 268 29.02 -16.46 -7.72
C ASN B 268 29.17 -17.97 -7.52
N LEU B 269 28.15 -18.60 -6.93
CA LEU B 269 28.19 -20.02 -6.65
C LEU B 269 27.43 -20.82 -7.72
N ASN B 270 27.74 -22.11 -7.82
CA ASN B 270 27.01 -23.00 -8.74
C ASN B 270 25.80 -23.61 -8.03
N TRP B 271 24.63 -23.04 -8.27
CA TRP B 271 23.44 -23.42 -7.52
C TRP B 271 22.75 -24.70 -8.00
N SER B 272 22.95 -25.06 -9.26
CA SER B 272 22.43 -26.32 -9.77
C SER B 272 23.10 -27.49 -9.06
N VAL B 273 24.42 -27.39 -8.88
CA VAL B 273 25.19 -28.40 -8.15
C VAL B 273 24.80 -28.44 -6.68
N ILE B 274 24.69 -27.27 -6.05
CA ILE B 274 24.33 -27.17 -4.64
C ILE B 274 22.95 -27.76 -4.35
N MET B 275 21.94 -27.39 -5.14
CA MET B 275 20.58 -27.85 -4.90
C MET B 275 20.38 -29.35 -5.15
N LYS B 276 21.16 -29.91 -6.08
CA LYS B 276 21.13 -31.34 -6.34
C LYS B 276 21.54 -32.11 -5.10
N THR B 277 22.60 -31.65 -4.45
CA THR B 277 23.12 -32.26 -3.22
C THR B 277 22.11 -32.13 -2.08
N VAL B 278 21.58 -30.93 -1.89
CA VAL B 278 20.60 -30.67 -0.83
C VAL B 278 19.33 -31.49 -1.01
N THR B 279 18.83 -31.54 -2.25
CA THR B 279 17.60 -32.30 -2.55
C THR B 279 17.73 -33.79 -2.23
N ALA B 280 18.91 -34.35 -2.48
CA ALA B 280 19.14 -35.78 -2.29
C ALA B 280 19.13 -36.21 -0.82
N ASN B 281 19.41 -35.27 0.08
CA ASN B 281 19.41 -35.55 1.52
C ASN B 281 19.24 -34.30 2.37
N PRO B 282 18.03 -33.71 2.35
CA PRO B 282 17.77 -32.45 3.08
C PRO B 282 17.96 -32.61 4.58
N HIS B 283 17.60 -33.77 5.13
CA HIS B 283 17.71 -34.00 6.57
C HIS B 283 19.15 -33.87 7.06
N GLN B 284 20.07 -34.54 6.38
CA GLN B 284 21.48 -34.48 6.75
C GLN B 284 22.01 -33.06 6.56
N PHE B 285 21.51 -32.39 5.53
CA PHE B 285 21.90 -31.01 5.23
C PHE B 285 21.64 -30.10 6.42
N PHE B 286 20.45 -30.21 6.99
CA PHE B 286 20.07 -29.38 8.13
C PHE B 286 20.79 -29.79 9.41
N LEU B 287 21.00 -31.09 9.57
CA LEU B 287 21.77 -31.61 10.70
C LEU B 287 23.20 -31.07 10.67
N ASP B 288 23.72 -30.84 9.47
CA ASP B 288 25.09 -30.35 9.29
C ASP B 288 25.19 -28.82 9.44
N GLY B 289 24.05 -28.16 9.57
CA GLY B 289 24.04 -26.72 9.80
C GLY B 289 23.27 -25.92 8.76
N GLY B 290 22.74 -26.62 7.76
CA GLY B 290 21.93 -25.98 6.73
C GLY B 290 22.64 -24.88 5.95
N TRP B 291 21.97 -23.74 5.80
CA TRP B 291 22.50 -22.65 5.01
C TRP B 291 23.62 -21.90 5.72
N GLY B 292 23.97 -22.36 6.92
CA GLY B 292 25.08 -21.79 7.66
C GLY B 292 26.40 -21.92 6.92
N PHE B 293 26.44 -22.83 5.95
CA PHE B 293 27.64 -23.07 5.17
C PHE B 293 27.97 -21.91 4.23
N LEU B 294 26.99 -21.03 4.02
CA LEU B 294 27.13 -19.93 3.07
C LEU B 294 27.92 -18.74 3.61
N GLN B 295 27.99 -18.62 4.93
CA GLN B 295 28.61 -17.47 5.57
C GLN B 295 28.80 -17.70 7.07
#